data_4PEY
#
_entry.id   4PEY
#
_cell.length_a   49.775
_cell.length_b   100.195
_cell.length_c   53.862
_cell.angle_alpha   90.00
_cell.angle_beta   103.49
_cell.angle_gamma   90.00
#
_symmetry.space_group_name_H-M   'P 1 21 1'
#
loop_
_entity.id
_entity.type
_entity.pdbx_description
1 polymer 'Putative secreted protein'
2 branched beta-D-glucopyranose-(1-3)-beta-D-glucopyranose-(1-3)-beta-D-glucopyranose
3 water water
#
_entity_poly.entity_id   1
_entity_poly.type   'polypeptide(L)'
_entity_poly.pdbx_seq_one_letter_code
;SFGSDVRPAAAQEVVGGGDLGPNVLVFDPSTPDIQGKVDEVFRKQESNQFGTDRYALMFKPGTYNDINAQIGFYTSIAGL
GLNPDDTTFNGDVTVDAGWFDGNATQNFWRSAENLALNPVNGTNRWAVSQAAPFRRMHVKGGLNLAPDGYGWASGGYIAD
SKIDGEVGPYSQQQWYTRDSSVGGWGNGVWNMTFSGVEGAPAQSFPEPPYTTLETTPVSREKPFLYLDGDDYKVFVPAKR
TNARGTSWGNGTPEGESLPLDQFYVVKPGATAETINAAVDQGLHLLFTPGVYHVDQPIEIDRANTVALGLGLATIIPDNG
VTALKVGDVDGVKVAGLLVDAGPVNSETLVEVGSDGASGDHAANPTSLQDVFVRIGGAGPGKATTSIVVNSNDTIIDHTW
VWRADHGEGVGWETNRADYGVHVKGDNVLATGLFVEHFNKYDVQWSGENGKTIFYQNAKAYDAPDQAAIQNGDIKGYAAY
KVDDSVTTHEGWGMGSYCYFNVNPDIRQQHGFQAPVKPGVKFHDLLVVSLGGKGQYEHVINDIGDPTSGDTTIPSQVVSF
P
;
_entity_poly.pdbx_strand_id   A
#
loop_
_chem_comp.id
_chem_comp.type
_chem_comp.name
_chem_comp.formula
BGC D-saccharide, beta linking beta-D-glucopyranose 'C6 H12 O6'
#
# COMPACT_ATOMS: atom_id res chain seq x y z
N GLU A 13 -14.60 15.11 -27.38
CA GLU A 13 -13.85 14.18 -28.21
C GLU A 13 -13.78 12.80 -27.57
N VAL A 14 -13.44 12.75 -26.28
CA VAL A 14 -13.26 11.48 -25.58
C VAL A 14 -14.59 10.89 -25.12
N VAL A 15 -14.82 9.62 -25.45
CA VAL A 15 -16.08 8.98 -25.10
C VAL A 15 -15.94 8.17 -23.82
N GLY A 16 -16.91 8.31 -22.92
CA GLY A 16 -16.90 7.59 -21.66
C GLY A 16 -17.52 6.20 -21.78
N GLY A 17 -17.19 5.34 -20.82
CA GLY A 17 -17.74 4.00 -20.76
C GLY A 17 -17.16 3.04 -21.78
N GLY A 18 -17.88 1.95 -22.01
CA GLY A 18 -17.43 0.97 -22.99
C GLY A 18 -16.92 -0.31 -22.36
N ASP A 19 -16.42 -1.19 -23.21
CA ASP A 19 -15.94 -2.51 -22.81
C ASP A 19 -14.71 -2.41 -21.89
N LEU A 20 -14.62 -3.31 -20.91
CA LEU A 20 -13.50 -3.30 -19.98
C LEU A 20 -12.28 -4.07 -20.50
N GLY A 21 -12.42 -4.74 -21.64
CA GLY A 21 -11.26 -5.35 -22.28
C GLY A 21 -10.99 -6.78 -21.86
N PRO A 22 -10.02 -7.43 -22.54
CA PRO A 22 -9.80 -8.86 -22.36
C PRO A 22 -9.11 -9.26 -21.05
N ASN A 23 -8.58 -8.28 -20.30
CA ASN A 23 -7.87 -8.58 -19.06
C ASN A 23 -8.76 -8.45 -17.82
N VAL A 24 -10.02 -8.11 -18.03
CA VAL A 24 -10.99 -8.13 -16.95
C VAL A 24 -11.90 -9.33 -17.18
N LEU A 25 -11.76 -10.34 -16.33
CA LEU A 25 -12.55 -11.55 -16.45
C LEU A 25 -13.74 -11.42 -15.52
N VAL A 26 -14.94 -11.37 -16.10
CA VAL A 26 -16.15 -11.18 -15.33
C VAL A 26 -16.93 -12.50 -15.25
N PHE A 27 -17.23 -12.91 -14.03
CA PHE A 27 -17.92 -14.17 -13.76
C PHE A 27 -19.29 -13.91 -13.18
N ASP A 28 -20.24 -14.80 -13.46
CA ASP A 28 -21.51 -14.77 -12.75
C ASP A 28 -21.75 -16.18 -12.20
N PRO A 29 -22.73 -16.34 -11.28
CA PRO A 29 -22.89 -17.67 -10.68
C PRO A 29 -23.18 -18.81 -11.67
N SER A 30 -23.57 -18.48 -12.90
CA SER A 30 -23.88 -19.52 -13.88
C SER A 30 -22.75 -19.76 -14.88
N THR A 31 -21.68 -18.98 -14.78
CA THR A 31 -20.52 -19.14 -15.65
C THR A 31 -19.96 -20.55 -15.53
N PRO A 32 -19.77 -21.22 -16.67
CA PRO A 32 -19.21 -22.57 -16.60
C PRO A 32 -17.71 -22.55 -16.29
N ASP A 33 -17.29 -23.47 -15.42
CA ASP A 33 -15.88 -23.71 -15.14
C ASP A 33 -15.13 -22.49 -14.63
N ILE A 34 -15.69 -21.84 -13.62
CA ILE A 34 -15.01 -20.73 -12.97
C ILE A 34 -13.68 -21.18 -12.39
N GLN A 35 -13.69 -22.34 -11.71
CA GLN A 35 -12.48 -22.83 -11.07
C GLN A 35 -11.37 -23.06 -12.09
N GLY A 36 -11.71 -23.64 -13.22
CA GLY A 36 -10.74 -23.87 -14.28
C GLY A 36 -10.15 -22.57 -14.81
N LYS A 37 -11.00 -21.57 -14.98
CA LYS A 37 -10.56 -20.28 -15.51
C LYS A 37 -9.64 -19.55 -14.54
N VAL A 38 -9.99 -19.56 -13.26
CA VAL A 38 -9.17 -18.89 -12.25
C VAL A 38 -7.85 -19.64 -12.04
N ASP A 39 -7.89 -20.97 -12.15
CA ASP A 39 -6.67 -21.77 -12.06
C ASP A 39 -5.73 -21.50 -13.23
N GLU A 40 -6.29 -21.29 -14.42
CA GLU A 40 -5.49 -20.98 -15.59
C GLU A 40 -4.70 -19.70 -15.38
N VAL A 41 -5.38 -18.67 -14.85
CA VAL A 41 -4.72 -17.41 -14.55
C VAL A 41 -3.64 -17.62 -13.49
N PHE A 42 -3.96 -18.37 -12.44
CA PHE A 42 -2.98 -18.61 -11.38
C PHE A 42 -1.74 -19.32 -11.89
N ARG A 43 -1.90 -20.35 -12.73
CA ARG A 43 -0.74 -21.08 -13.25
C ARG A 43 0.21 -20.12 -13.99
N LYS A 44 -0.35 -19.19 -14.74
CA LYS A 44 0.45 -18.21 -15.46
C LYS A 44 1.08 -17.16 -14.54
N GLN A 45 0.40 -16.82 -13.45
CA GLN A 45 0.81 -15.68 -12.62
C GLN A 45 1.52 -16.05 -11.32
N GLU A 46 1.45 -17.33 -10.95
CA GLU A 46 2.00 -17.80 -9.68
C GLU A 46 3.43 -17.32 -9.39
N SER A 47 4.34 -17.51 -10.33
N SER A 47 4.32 -17.51 -10.35
CA SER A 47 5.72 -17.09 -10.11
CA SER A 47 5.73 -17.15 -10.18
C SER A 47 6.13 -15.97 -11.06
C SER A 47 6.13 -15.94 -11.04
N ASN A 48 5.14 -15.30 -11.64
CA ASN A 48 5.40 -14.23 -12.62
C ASN A 48 5.68 -12.90 -11.94
N GLN A 49 6.76 -12.84 -11.17
CA GLN A 49 7.00 -11.72 -10.28
C GLN A 49 7.21 -10.39 -11.02
N PHE A 50 7.84 -10.45 -12.19
CA PHE A 50 8.17 -9.21 -12.90
C PHE A 50 7.64 -9.13 -14.33
N GLY A 51 6.69 -10.00 -14.68
CA GLY A 51 6.14 -10.00 -16.02
C GLY A 51 5.20 -8.84 -16.25
N THR A 52 4.76 -8.68 -17.49
CA THR A 52 3.89 -7.56 -17.85
C THR A 52 2.42 -7.94 -17.96
N ASP A 53 2.09 -9.21 -17.75
CA ASP A 53 0.69 -9.61 -17.78
C ASP A 53 -0.04 -9.09 -16.54
N ARG A 54 -1.32 -8.78 -16.70
CA ARG A 54 -2.16 -8.17 -15.66
C ARG A 54 -3.58 -8.73 -15.76
N TYR A 55 -4.19 -9.02 -14.61
CA TYR A 55 -5.55 -9.60 -14.61
C TYR A 55 -6.41 -9.06 -13.50
N ALA A 56 -7.67 -8.75 -13.83
CA ALA A 56 -8.69 -8.48 -12.82
C ALA A 56 -9.77 -9.55 -12.90
N LEU A 57 -10.07 -10.17 -11.77
CA LEU A 57 -11.14 -11.17 -11.66
C LEU A 57 -12.31 -10.52 -10.94
N MET A 58 -13.45 -10.40 -11.61
CA MET A 58 -14.60 -9.70 -11.08
CA MET A 58 -14.59 -9.71 -11.04
C MET A 58 -15.80 -10.62 -11.00
N PHE A 59 -16.46 -10.65 -9.85
CA PHE A 59 -17.57 -11.56 -9.65
C PHE A 59 -18.89 -10.83 -9.41
N LYS A 60 -19.86 -11.09 -10.28
CA LYS A 60 -21.19 -10.49 -10.14
CA LYS A 60 -21.20 -10.50 -10.14
C LYS A 60 -21.86 -10.98 -8.85
N PRO A 61 -22.78 -10.16 -8.30
CA PRO A 61 -23.44 -10.58 -7.05
C PRO A 61 -24.11 -11.94 -7.16
N GLY A 62 -24.04 -12.70 -6.07
CA GLY A 62 -24.60 -14.03 -6.01
C GLY A 62 -23.78 -14.93 -5.10
N THR A 63 -23.97 -16.23 -5.25
CA THR A 63 -23.28 -17.22 -4.43
C THR A 63 -22.50 -18.18 -5.30
N TYR A 64 -21.23 -18.37 -4.96
CA TYR A 64 -20.32 -19.20 -5.72
C TYR A 64 -19.87 -20.36 -4.88
N ASN A 65 -19.92 -21.57 -5.44
CA ASN A 65 -19.55 -22.77 -4.71
C ASN A 65 -18.31 -23.44 -5.28
N ASP A 66 -17.68 -24.26 -4.45
CA ASP A 66 -16.57 -25.10 -4.89
C ASP A 66 -15.47 -24.28 -5.52
N ILE A 67 -15.13 -23.17 -4.88
CA ILE A 67 -14.12 -22.29 -5.45
C ILE A 67 -12.94 -22.10 -4.49
N ASN A 68 -11.74 -22.34 -5.00
CA ASN A 68 -10.52 -21.96 -4.32
C ASN A 68 -9.75 -21.08 -5.28
N ALA A 69 -9.95 -19.79 -5.14
CA ALA A 69 -9.32 -18.83 -6.04
C ALA A 69 -7.92 -18.49 -5.53
N GLN A 70 -6.91 -19.15 -6.08
CA GLN A 70 -5.54 -18.86 -5.71
C GLN A 70 -5.10 -17.63 -6.48
N ILE A 71 -4.52 -16.67 -5.77
CA ILE A 71 -4.18 -15.38 -6.34
C ILE A 71 -2.68 -15.23 -6.51
N GLY A 72 -2.22 -15.14 -7.77
CA GLY A 72 -0.81 -14.94 -8.07
C GLY A 72 -0.45 -13.48 -8.23
N PHE A 73 0.71 -13.21 -8.83
CA PHE A 73 1.15 -11.84 -9.08
C PHE A 73 0.20 -11.09 -9.99
N TYR A 74 0.09 -9.77 -9.77
CA TYR A 74 -0.67 -8.86 -10.64
C TYR A 74 -2.07 -9.35 -10.94
N THR A 75 -2.71 -9.88 -9.91
CA THR A 75 -4.08 -10.35 -10.01
C THR A 75 -4.91 -9.68 -8.93
N SER A 76 -5.97 -8.98 -9.33
CA SER A 76 -6.95 -8.48 -8.38
C SER A 76 -8.18 -9.36 -8.42
N ILE A 77 -8.85 -9.53 -7.28
CA ILE A 77 -10.12 -10.24 -7.28
C ILE A 77 -11.10 -9.44 -6.44
N ALA A 78 -12.33 -9.33 -6.93
CA ALA A 78 -13.33 -8.53 -6.23
C ALA A 78 -14.75 -8.94 -6.58
N GLY A 79 -15.65 -8.62 -5.66
CA GLY A 79 -17.09 -8.73 -5.92
C GLY A 79 -17.63 -7.43 -6.47
N LEU A 80 -18.82 -7.52 -7.09
CA LEU A 80 -19.44 -6.39 -7.76
C LEU A 80 -20.76 -5.99 -7.12
N GLY A 81 -20.97 -6.38 -5.87
CA GLY A 81 -22.13 -5.92 -5.13
C GLY A 81 -21.86 -4.58 -4.47
N LEU A 82 -22.93 -3.94 -4.01
CA LEU A 82 -22.78 -2.71 -3.25
C LEU A 82 -22.17 -3.03 -1.89
N ASN A 83 -22.49 -4.23 -1.39
CA ASN A 83 -22.01 -4.69 -0.09
C ASN A 83 -21.26 -6.02 -0.21
N PRO A 84 -20.30 -6.28 0.68
CA PRO A 84 -19.49 -7.50 0.55
C PRO A 84 -20.31 -8.79 0.55
N ASP A 85 -21.34 -8.88 1.39
CA ASP A 85 -22.12 -10.12 1.47
C ASP A 85 -23.01 -10.33 0.25
N ASP A 86 -23.05 -9.36 -0.67
CA ASP A 86 -23.77 -9.55 -1.93
C ASP A 86 -23.07 -10.56 -2.83
N THR A 87 -21.77 -10.75 -2.60
CA THR A 87 -20.98 -11.68 -3.42
C THR A 87 -20.26 -12.64 -2.49
N THR A 88 -20.79 -13.86 -2.37
CA THR A 88 -20.32 -14.80 -1.38
C THR A 88 -19.68 -16.02 -2.03
N PHE A 89 -18.48 -16.36 -1.55
CA PHE A 89 -17.79 -17.58 -1.95
C PHE A 89 -17.98 -18.64 -0.88
N ASN A 90 -18.54 -19.79 -1.23
CA ASN A 90 -18.36 -20.97 -0.42
C ASN A 90 -17.05 -21.57 -0.89
N GLY A 91 -15.99 -21.17 -0.20
CA GLY A 91 -14.64 -21.41 -0.66
C GLY A 91 -13.71 -20.30 -0.22
N ASP A 92 -12.61 -20.12 -0.94
CA ASP A 92 -11.48 -19.35 -0.44
C ASP A 92 -10.91 -18.40 -1.47
N VAL A 93 -10.28 -17.34 -0.96
CA VAL A 93 -9.40 -16.50 -1.77
C VAL A 93 -8.02 -16.66 -1.14
N THR A 94 -7.18 -17.47 -1.79
CA THR A 94 -5.96 -17.98 -1.18
C THR A 94 -4.69 -17.36 -1.72
N VAL A 95 -3.81 -16.91 -0.83
CA VAL A 95 -2.41 -16.70 -1.19
C VAL A 95 -1.53 -17.55 -0.28
N ASP A 96 -0.67 -18.36 -0.89
CA ASP A 96 0.29 -19.19 -0.15
C ASP A 96 1.65 -18.99 -0.82
N ALA A 97 2.67 -19.70 -0.34
CA ALA A 97 4.03 -19.43 -0.81
C ALA A 97 4.73 -20.65 -1.39
N GLY A 98 3.98 -21.56 -2.00
CA GLY A 98 4.54 -22.77 -2.56
C GLY A 98 5.63 -22.50 -3.60
N TRP A 99 5.45 -21.47 -4.41
CA TRP A 99 6.36 -21.20 -5.52
C TRP A 99 7.74 -20.77 -5.03
N PHE A 100 7.79 -20.29 -3.80
CA PHE A 100 9.04 -19.80 -3.20
C PHE A 100 9.37 -20.64 -1.97
N ASP A 101 8.94 -21.89 -2.02
CA ASP A 101 9.26 -22.90 -1.00
C ASP A 101 8.91 -22.47 0.42
N GLY A 102 7.75 -21.85 0.59
CA GLY A 102 7.25 -21.52 1.91
C GLY A 102 7.62 -20.14 2.41
N ASN A 103 8.45 -19.44 1.65
CA ASN A 103 8.88 -18.08 1.97
C ASN A 103 7.89 -17.10 1.32
N ALA A 104 7.14 -16.36 2.14
CA ALA A 104 6.10 -15.47 1.62
C ALA A 104 6.56 -14.02 1.39
N THR A 105 7.86 -13.75 1.54
CA THR A 105 8.35 -12.37 1.49
C THR A 105 8.47 -11.77 0.09
N GLN A 106 8.07 -12.51 -0.95
CA GLN A 106 7.97 -11.89 -2.27
C GLN A 106 6.54 -11.99 -2.83
N ASN A 107 5.57 -12.21 -1.95
CA ASN A 107 4.16 -12.29 -2.37
C ASN A 107 3.55 -10.89 -2.47
N PHE A 108 3.89 -10.20 -3.57
CA PHE A 108 3.55 -8.80 -3.81
C PHE A 108 2.44 -8.61 -4.85
N TRP A 109 1.94 -7.38 -4.92
CA TRP A 109 1.17 -6.85 -6.06
C TRP A 109 -0.05 -7.70 -6.40
N ARG A 110 -0.99 -7.79 -5.46
CA ARG A 110 -2.25 -8.48 -5.71
C ARG A 110 -3.28 -7.91 -4.75
N SER A 111 -4.56 -8.23 -4.93
CA SER A 111 -5.57 -7.64 -4.05
C SER A 111 -6.86 -8.41 -3.98
N ALA A 112 -7.56 -8.27 -2.86
CA ALA A 112 -8.91 -8.81 -2.67
C ALA A 112 -9.80 -7.72 -2.11
N GLU A 113 -11.02 -7.60 -2.66
CA GLU A 113 -11.94 -6.57 -2.21
C GLU A 113 -13.41 -6.97 -2.37
N ASN A 114 -14.25 -6.62 -1.39
CA ASN A 114 -15.70 -6.62 -1.57
C ASN A 114 -16.29 -8.01 -1.83
N LEU A 115 -15.81 -8.98 -1.05
CA LEU A 115 -16.31 -10.35 -1.08
C LEU A 115 -16.61 -10.86 0.32
N ALA A 116 -17.58 -11.76 0.43
CA ALA A 116 -17.76 -12.55 1.65
C ALA A 116 -17.21 -13.95 1.41
N LEU A 117 -16.45 -14.47 2.37
CA LEU A 117 -15.81 -15.78 2.23
C LEU A 117 -16.28 -16.74 3.31
N ASN A 118 -16.64 -17.95 2.88
CA ASN A 118 -16.99 -19.06 3.77
C ASN A 118 -15.93 -20.15 3.56
N PRO A 119 -14.75 -20.00 4.19
CA PRO A 119 -13.59 -20.84 3.81
C PRO A 119 -13.79 -22.33 4.14
N VAL A 120 -13.28 -23.20 3.27
CA VAL A 120 -13.62 -24.61 3.32
CA VAL A 120 -13.64 -24.61 3.32
C VAL A 120 -13.22 -25.32 4.63
N ASN A 121 -12.10 -24.92 5.23
CA ASN A 121 -11.73 -25.56 6.51
C ASN A 121 -11.98 -24.65 7.70
N GLY A 122 -12.73 -23.58 7.47
CA GLY A 122 -13.05 -22.62 8.52
C GLY A 122 -12.10 -21.44 8.57
N THR A 123 -10.99 -21.52 7.82
CA THR A 123 -9.98 -20.47 7.84
C THR A 123 -9.48 -20.14 6.45
N ASN A 124 -9.54 -18.86 6.08
CA ASN A 124 -8.99 -18.40 4.82
C ASN A 124 -7.52 -18.03 4.97
N ARG A 125 -6.67 -18.43 4.03
CA ARG A 125 -5.25 -18.08 4.10
CA ARG A 125 -5.25 -18.08 4.10
C ARG A 125 -4.88 -16.97 3.12
N TRP A 126 -4.40 -15.86 3.66
CA TRP A 126 -3.96 -14.70 2.87
C TRP A 126 -2.51 -14.39 3.25
N ALA A 127 -1.59 -15.22 2.78
CA ALA A 127 -0.20 -15.16 3.23
C ALA A 127 0.63 -14.27 2.32
N VAL A 128 0.50 -12.97 2.53
CA VAL A 128 1.06 -11.97 1.64
C VAL A 128 2.16 -11.18 2.29
N SER A 129 2.97 -10.49 1.48
CA SER A 129 3.81 -9.43 2.02
C SER A 129 3.28 -8.09 1.50
N GLN A 130 4.15 -7.20 1.04
CA GLN A 130 3.72 -5.83 0.75
C GLN A 130 2.90 -5.67 -0.54
N ALA A 131 2.12 -4.60 -0.59
CA ALA A 131 1.25 -4.25 -1.72
C ALA A 131 0.26 -5.36 -2.04
N ALA A 132 -0.41 -5.87 -1.00
CA ALA A 132 -1.37 -6.94 -1.19
C ALA A 132 -2.62 -6.67 -0.35
N PRO A 133 -3.33 -5.58 -0.67
CA PRO A 133 -4.43 -5.13 0.19
C PRO A 133 -5.63 -6.07 0.25
N PHE A 134 -6.28 -6.04 1.40
CA PHE A 134 -7.43 -6.87 1.74
C PHE A 134 -8.46 -5.88 2.29
N ARG A 135 -9.41 -5.48 1.44
CA ARG A 135 -10.37 -4.41 1.76
C ARG A 135 -11.83 -4.83 1.65
N ARG A 136 -12.67 -4.33 2.55
CA ARG A 136 -14.12 -4.52 2.43
CA ARG A 136 -14.11 -4.53 2.40
C ARG A 136 -14.45 -6.01 2.27
N MET A 137 -13.80 -6.83 3.08
CA MET A 137 -14.01 -8.29 3.05
C MET A 137 -14.81 -8.73 4.26
N HIS A 138 -15.64 -9.75 4.07
CA HIS A 138 -16.30 -10.41 5.20
C HIS A 138 -15.87 -11.86 5.26
N VAL A 139 -15.02 -12.21 6.22
CA VAL A 139 -14.60 -13.60 6.35
C VAL A 139 -15.43 -14.28 7.44
N LYS A 140 -16.24 -15.25 7.02
CA LYS A 140 -17.11 -15.97 7.95
C LYS A 140 -16.34 -17.16 8.49
N GLY A 141 -15.32 -16.85 9.30
CA GLY A 141 -14.38 -17.83 9.79
C GLY A 141 -13.14 -17.08 10.23
N GLY A 142 -12.02 -17.80 10.32
CA GLY A 142 -10.75 -17.21 10.68
C GLY A 142 -9.96 -16.77 9.46
N LEU A 143 -8.88 -16.03 9.72
CA LEU A 143 -8.01 -15.55 8.66
C LEU A 143 -6.56 -15.80 9.07
N ASN A 144 -5.90 -16.71 8.34
CA ASN A 144 -4.50 -17.05 8.58
C ASN A 144 -3.62 -16.23 7.65
N LEU A 145 -2.72 -15.42 8.21
CA LEU A 145 -1.88 -14.55 7.40
C LEU A 145 -0.51 -15.15 7.08
N ALA A 146 -0.28 -16.38 7.53
CA ALA A 146 1.04 -17.00 7.39
C ALA A 146 1.04 -18.10 6.34
N PRO A 147 2.18 -18.28 5.66
CA PRO A 147 2.25 -19.38 4.68
C PRO A 147 2.19 -20.73 5.39
N ASP A 148 1.76 -21.76 4.66
CA ASP A 148 1.78 -23.10 5.21
C ASP A 148 3.22 -23.44 5.58
N GLY A 149 3.44 -23.80 6.84
CA GLY A 149 4.77 -24.09 7.33
C GLY A 149 5.33 -22.98 8.21
N TYR A 150 4.62 -21.85 8.24
CA TYR A 150 4.98 -20.69 9.08
C TYR A 150 6.34 -20.08 8.75
N GLY A 151 6.66 -20.06 7.45
CA GLY A 151 7.87 -19.42 6.97
C GLY A 151 7.80 -17.90 6.99
N TRP A 152 8.82 -17.25 6.43
CA TRP A 152 8.96 -15.80 6.52
C TRP A 152 7.82 -15.06 5.82
N ALA A 153 7.38 -13.96 6.43
CA ALA A 153 6.31 -13.15 5.85
C ALA A 153 6.40 -11.71 6.34
N SER A 154 6.13 -10.77 5.44
CA SER A 154 6.30 -9.34 5.73
C SER A 154 5.17 -8.46 5.16
N GLY A 155 3.94 -8.70 5.62
CA GLY A 155 2.80 -7.89 5.22
C GLY A 155 2.68 -6.64 6.10
N GLY A 156 1.51 -6.02 6.17
CA GLY A 156 0.33 -6.39 5.44
C GLY A 156 -0.74 -5.35 5.78
N TYR A 157 -1.87 -5.41 5.10
CA TYR A 157 -2.86 -4.34 5.19
C TYR A 157 -4.28 -4.88 5.11
N ILE A 158 -5.07 -4.66 6.17
CA ILE A 158 -6.50 -4.96 6.16
C ILE A 158 -7.27 -3.69 6.47
N ALA A 159 -8.28 -3.36 5.67
CA ALA A 159 -9.14 -2.21 5.96
C ALA A 159 -10.60 -2.53 5.71
N ASP A 160 -11.46 -1.92 6.51
CA ASP A 160 -12.91 -1.96 6.30
C ASP A 160 -13.44 -3.38 6.17
N SER A 161 -12.88 -4.28 6.98
CA SER A 161 -13.23 -5.70 6.88
C SER A 161 -13.78 -6.26 8.18
N LYS A 162 -14.57 -7.33 8.05
CA LYS A 162 -15.06 -8.05 9.21
CA LYS A 162 -15.06 -8.04 9.22
C LYS A 162 -14.60 -9.49 9.15
N ILE A 163 -13.80 -9.91 10.13
CA ILE A 163 -13.40 -11.30 10.26
C ILE A 163 -14.15 -11.84 11.48
N ASP A 164 -15.06 -12.79 11.26
CA ASP A 164 -15.90 -13.30 12.35
C ASP A 164 -15.08 -14.00 13.43
N GLY A 165 -14.05 -14.74 12.99
CA GLY A 165 -13.22 -15.50 13.90
C GLY A 165 -11.90 -14.81 14.19
N GLU A 166 -10.86 -15.60 14.41
CA GLU A 166 -9.56 -15.06 14.80
C GLU A 166 -8.67 -14.77 13.59
N VAL A 167 -8.00 -13.62 13.62
CA VAL A 167 -6.90 -13.36 12.69
C VAL A 167 -5.62 -13.88 13.31
N GLY A 168 -4.94 -14.78 12.60
CA GLY A 168 -3.70 -15.37 13.09
C GLY A 168 -2.50 -14.96 12.24
N PRO A 169 -1.67 -14.03 12.75
CA PRO A 169 -0.51 -13.63 11.95
C PRO A 169 0.60 -14.67 11.93
N TYR A 170 0.74 -15.43 13.03
CA TYR A 170 1.84 -16.38 13.22
C TYR A 170 3.19 -15.74 12.94
N SER A 171 3.82 -16.12 11.83
CA SER A 171 5.17 -15.62 11.52
C SER A 171 5.26 -14.21 10.91
N GLN A 172 4.13 -13.62 10.53
CA GLN A 172 4.13 -12.25 10.01
C GLN A 172 4.88 -11.29 10.92
N GLN A 173 5.84 -10.57 10.36
CA GLN A 173 6.65 -9.62 11.14
C GLN A 173 5.82 -8.49 11.73
N GLN A 174 4.93 -7.95 10.91
CA GLN A 174 4.21 -6.74 11.24
C GLN A 174 2.90 -6.72 10.47
N TRP A 175 1.98 -5.84 10.85
CA TRP A 175 0.70 -5.76 10.17
C TRP A 175 0.00 -4.47 10.55
N TYR A 176 -0.78 -3.92 9.61
CA TYR A 176 -1.68 -2.80 9.90
C TYR A 176 -3.12 -3.16 9.58
N THR A 177 -4.01 -2.92 10.54
CA THR A 177 -5.44 -3.14 10.35
C THR A 177 -6.15 -1.85 10.72
N ARG A 178 -7.05 -1.35 9.86
CA ARG A 178 -7.86 -0.21 10.27
C ARG A 178 -9.34 -0.35 9.98
N ASP A 179 -10.13 0.25 10.86
CA ASP A 179 -11.56 0.46 10.64
C ASP A 179 -12.24 -0.84 10.25
N SER A 180 -12.14 -1.81 11.16
CA SER A 180 -12.52 -3.18 10.91
C SER A 180 -13.10 -3.81 12.17
N SER A 181 -13.52 -5.05 12.06
CA SER A 181 -13.99 -5.84 13.18
C SER A 181 -13.32 -7.22 13.12
N VAL A 182 -12.75 -7.66 14.23
CA VAL A 182 -12.17 -9.01 14.29
C VAL A 182 -12.71 -9.77 15.50
N GLY A 183 -12.93 -11.08 15.35
CA GLY A 183 -13.38 -11.90 16.46
C GLY A 183 -12.29 -12.15 17.47
N GLY A 184 -11.03 -12.09 17.02
CA GLY A 184 -9.88 -12.31 17.87
C GLY A 184 -8.61 -12.00 17.10
N TRP A 185 -7.52 -11.86 17.84
CA TRP A 185 -6.21 -11.61 17.24
C TRP A 185 -5.17 -12.47 17.95
N GLY A 186 -4.49 -13.31 17.18
CA GLY A 186 -3.71 -14.41 17.75
C GLY A 186 -2.37 -14.08 18.40
N ASN A 187 -1.60 -13.21 17.76
CA ASN A 187 -0.27 -12.90 18.25
C ASN A 187 0.32 -11.68 17.56
N GLY A 188 1.42 -11.16 18.15
CA GLY A 188 2.19 -10.11 17.52
C GLY A 188 3.66 -10.51 17.50
N VAL A 189 4.37 -10.12 16.46
CA VAL A 189 5.79 -10.48 16.31
C VAL A 189 6.67 -9.26 16.57
N TRP A 190 6.72 -8.31 15.61
CA TRP A 190 7.49 -7.08 15.84
C TRP A 190 6.62 -5.82 15.96
N ASN A 191 5.54 -5.74 15.19
CA ASN A 191 4.76 -4.50 15.14
C ASN A 191 3.37 -4.72 14.55
N MET A 192 2.41 -5.04 15.37
CA MET A 192 1.03 -5.10 14.97
C MET A 192 0.27 -3.86 15.42
N THR A 193 -0.15 -3.07 14.45
CA THR A 193 -0.80 -1.79 14.72
C THR A 193 -2.28 -1.83 14.26
N PHE A 194 -3.13 -1.22 15.09
CA PHE A 194 -4.57 -1.18 14.88
C PHE A 194 -5.09 0.25 15.05
N SER A 195 -5.93 0.72 14.14
CA SER A 195 -6.69 1.95 14.44
C SER A 195 -8.15 1.73 14.05
N GLY A 196 -9.06 2.01 14.98
CA GLY A 196 -10.48 1.83 14.72
C GLY A 196 -10.91 0.38 14.52
N VAL A 197 -10.23 -0.55 15.19
CA VAL A 197 -10.54 -1.96 15.01
C VAL A 197 -11.30 -2.51 16.21
N GLU A 198 -12.57 -2.83 16.00
CA GLU A 198 -13.37 -3.49 17.02
C GLU A 198 -12.81 -4.89 17.22
N GLY A 199 -12.48 -5.24 18.46
CA GLY A 199 -11.92 -6.54 18.75
C GLY A 199 -10.40 -6.57 18.77
N ALA A 200 -9.76 -5.43 18.49
CA ALA A 200 -8.30 -5.35 18.57
C ALA A 200 -7.81 -5.64 19.99
N PRO A 201 -6.62 -6.24 20.11
CA PRO A 201 -6.06 -6.39 21.45
C PRO A 201 -5.73 -5.01 22.02
N ALA A 202 -5.80 -4.86 23.33
CA ALA A 202 -5.49 -3.56 23.94
C ALA A 202 -4.04 -3.19 23.72
N GLN A 203 -3.78 -1.88 23.69
CA GLN A 203 -2.41 -1.34 23.67
C GLN A 203 -1.53 -2.06 24.68
N SER A 204 -0.39 -2.58 24.23
CA SER A 204 0.46 -3.36 25.12
C SER A 204 1.94 -3.32 24.79
N PHE A 205 2.33 -2.60 23.73
CA PHE A 205 3.73 -2.50 23.31
C PHE A 205 4.62 -2.20 24.52
N PRO A 206 5.75 -2.92 24.67
CA PRO A 206 6.37 -3.82 23.68
C PRO A 206 5.94 -5.29 23.72
N GLU A 207 5.26 -5.74 24.77
CA GLU A 207 4.94 -7.16 24.87
CA GLU A 207 4.95 -7.16 24.89
C GLU A 207 3.48 -7.43 25.23
N PRO A 208 2.71 -7.97 24.27
CA PRO A 208 3.06 -8.19 22.86
C PRO A 208 3.18 -6.84 22.15
N PRO A 209 3.79 -6.80 20.96
CA PRO A 209 4.01 -5.51 20.32
C PRO A 209 2.75 -4.97 19.63
N TYR A 210 1.75 -4.65 20.44
CA TYR A 210 0.46 -4.13 19.96
C TYR A 210 0.36 -2.62 20.16
N THR A 211 0.20 -1.91 19.04
CA THR A 211 -0.04 -0.47 19.05
C THR A 211 -1.50 -0.29 18.66
N THR A 212 -2.32 0.20 19.59
CA THR A 212 -3.76 0.20 19.39
C THR A 212 -4.37 1.58 19.62
N LEU A 213 -4.97 2.11 18.56
CA LEU A 213 -5.68 3.39 18.60
C LEU A 213 -7.18 3.13 18.48
N GLU A 214 -7.97 3.77 19.35
CA GLU A 214 -9.41 3.54 19.37
C GLU A 214 -10.09 3.90 18.04
N THR A 215 -9.64 4.99 17.42
CA THR A 215 -10.19 5.43 16.14
C THR A 215 -9.09 5.83 15.15
N THR A 216 -9.46 5.89 13.87
CA THR A 216 -8.61 6.45 12.84
C THR A 216 -9.00 7.92 12.65
N PRO A 217 -8.04 8.85 12.76
CA PRO A 217 -8.40 10.29 12.75
C PRO A 217 -9.29 10.68 11.59
N VAL A 218 -8.87 10.28 10.39
CA VAL A 218 -9.75 10.39 9.24
CA VAL A 218 -9.64 10.47 9.16
C VAL A 218 -9.46 9.24 8.29
N SER A 219 -10.53 8.74 7.67
CA SER A 219 -10.35 7.73 6.64
C SER A 219 -11.47 7.88 5.62
N ARG A 220 -11.20 7.42 4.41
CA ARG A 220 -12.20 7.46 3.36
C ARG A 220 -12.01 6.20 2.53
N GLU A 221 -13.01 5.32 2.52
CA GLU A 221 -12.79 4.04 1.89
C GLU A 221 -12.53 4.17 0.39
N LYS A 222 -11.69 3.29 -0.12
CA LYS A 222 -11.30 3.30 -1.52
C LYS A 222 -12.49 3.09 -2.46
N PRO A 223 -12.59 3.89 -3.52
CA PRO A 223 -13.65 3.65 -4.51
C PRO A 223 -13.51 2.28 -5.15
N PHE A 224 -14.63 1.69 -5.57
CA PHE A 224 -14.59 0.37 -6.20
C PHE A 224 -15.70 0.23 -7.25
N LEU A 225 -15.41 -0.58 -8.26
CA LEU A 225 -16.34 -0.92 -9.30
C LEU A 225 -17.43 -1.85 -8.77
N TYR A 226 -18.68 -1.60 -9.15
CA TYR A 226 -19.73 -2.55 -8.79
C TYR A 226 -20.85 -2.51 -9.81
N LEU A 227 -21.79 -3.42 -9.66
CA LEU A 227 -22.97 -3.48 -10.52
C LEU A 227 -24.21 -3.00 -9.78
N ASP A 228 -24.85 -1.97 -10.32
CA ASP A 228 -26.16 -1.53 -9.85
C ASP A 228 -27.18 -2.08 -10.83
N GLY A 229 -27.78 -3.21 -10.49
CA GLY A 229 -28.57 -3.96 -11.43
C GLY A 229 -27.65 -4.49 -12.52
N ASP A 230 -27.86 -4.04 -13.75
CA ASP A 230 -27.04 -4.46 -14.88
C ASP A 230 -26.05 -3.37 -15.31
N ASP A 231 -26.02 -2.26 -14.59
CA ASP A 231 -25.16 -1.13 -14.96
C ASP A 231 -23.89 -1.03 -14.12
N TYR A 232 -22.73 -0.95 -14.76
CA TYR A 232 -21.48 -0.72 -14.03
C TYR A 232 -21.45 0.70 -13.47
N LYS A 233 -21.06 0.82 -12.21
CA LYS A 233 -20.84 2.11 -11.56
C LYS A 233 -19.62 2.01 -10.68
N VAL A 234 -19.10 3.16 -10.26
CA VAL A 234 -18.05 3.18 -9.26
C VAL A 234 -18.60 3.82 -8.00
N PHE A 235 -18.51 3.11 -6.88
CA PHE A 235 -18.98 3.64 -5.61
C PHE A 235 -17.88 4.45 -4.98
N VAL A 236 -18.24 5.64 -4.50
CA VAL A 236 -17.28 6.58 -3.93
C VAL A 236 -17.67 6.87 -2.48
N PRO A 237 -17.12 6.11 -1.53
CA PRO A 237 -17.45 6.30 -0.11
C PRO A 237 -17.17 7.72 0.38
N ALA A 238 -18.03 8.20 1.27
CA ALA A 238 -17.82 9.47 1.94
C ALA A 238 -16.78 9.30 3.06
N LYS A 239 -16.12 10.40 3.44
CA LYS A 239 -15.09 10.29 4.46
C LYS A 239 -15.70 10.12 5.85
N ARG A 240 -14.93 9.47 6.72
CA ARG A 240 -15.28 9.32 8.12
C ARG A 240 -14.22 10.00 8.98
N THR A 241 -14.63 10.69 10.03
CA THR A 241 -13.67 11.22 11.00
C THR A 241 -13.79 10.41 12.28
N ASN A 242 -12.65 10.16 12.93
CA ASN A 242 -12.62 9.29 14.10
C ASN A 242 -13.33 7.98 13.82
N ALA A 243 -12.94 7.35 12.71
CA ALA A 243 -13.56 6.14 12.23
C ALA A 243 -13.28 4.95 13.15
N ARG A 244 -14.28 4.07 13.26
CA ARG A 244 -14.12 2.82 14.00
C ARG A 244 -15.09 1.80 13.43
N GLY A 245 -14.60 0.57 13.23
CA GLY A 245 -15.41 -0.49 12.65
C GLY A 245 -15.65 -0.29 11.17
N THR A 246 -16.41 -1.19 10.57
CA THR A 246 -16.61 -1.16 9.12
C THR A 246 -17.57 -0.06 8.70
N SER A 247 -17.46 0.33 7.44
CA SER A 247 -18.33 1.36 6.87
C SER A 247 -19.69 0.80 6.45
N TRP A 248 -19.75 -0.52 6.27
CA TRP A 248 -20.89 -1.19 5.64
C TRP A 248 -21.66 -2.09 6.61
N GLY A 249 -21.16 -2.24 7.82
CA GLY A 249 -21.78 -3.09 8.82
C GLY A 249 -23.23 -2.76 9.16
N ASN A 250 -23.60 -1.49 9.07
CA ASN A 250 -24.94 -1.04 9.42
C ASN A 250 -25.78 -0.66 8.21
N GLY A 251 -25.63 -1.41 7.13
CA GLY A 251 -26.43 -1.21 5.94
C GLY A 251 -25.89 -0.13 5.03
N THR A 252 -26.81 0.59 4.37
CA THR A 252 -26.52 1.54 3.30
C THR A 252 -25.30 2.42 3.56
N PRO A 253 -24.18 2.10 2.90
CA PRO A 253 -22.96 2.89 3.07
C PRO A 253 -23.11 4.32 2.52
N GLU A 254 -22.59 5.29 3.25
CA GLU A 254 -22.64 6.69 2.84
C GLU A 254 -21.68 6.96 1.68
N GLY A 255 -22.19 7.56 0.59
CA GLY A 255 -21.37 7.82 -0.58
C GLY A 255 -22.16 8.12 -1.85
N GLU A 256 -21.43 8.25 -2.95
CA GLU A 256 -22.00 8.60 -4.26
C GLU A 256 -21.68 7.49 -5.26
N SER A 257 -22.57 7.24 -6.22
CA SER A 257 -22.28 6.30 -7.29
C SER A 257 -22.09 7.03 -8.61
N LEU A 258 -20.96 6.74 -9.28
CA LEU A 258 -20.67 7.33 -10.58
C LEU A 258 -20.88 6.30 -11.68
N PRO A 259 -21.76 6.60 -12.66
CA PRO A 259 -21.93 5.68 -13.78
C PRO A 259 -20.64 5.48 -14.59
N LEU A 260 -20.46 4.28 -15.13
CA LEU A 260 -19.28 3.96 -15.93
C LEU A 260 -19.12 4.91 -17.13
N ASP A 261 -20.22 5.45 -17.64
CA ASP A 261 -20.11 6.32 -18.81
C ASP A 261 -19.52 7.69 -18.43
N GLN A 262 -19.26 7.91 -17.15
CA GLN A 262 -18.58 9.11 -16.68
CA GLN A 262 -18.58 9.13 -16.72
C GLN A 262 -17.08 8.86 -16.52
N PHE A 263 -16.64 7.66 -16.91
CA PHE A 263 -15.23 7.28 -16.85
C PHE A 263 -14.66 7.10 -18.25
N TYR A 264 -13.45 7.62 -18.48
CA TYR A 264 -12.67 7.19 -19.63
C TYR A 264 -12.06 5.84 -19.29
N VAL A 265 -12.41 4.82 -20.06
CA VAL A 265 -11.91 3.47 -19.82
C VAL A 265 -10.58 3.33 -20.56
N VAL A 266 -9.49 3.42 -19.80
CA VAL A 266 -8.14 3.41 -20.37
C VAL A 266 -7.74 1.99 -20.71
N LYS A 267 -7.29 1.79 -21.95
CA LYS A 267 -6.84 0.50 -22.43
C LYS A 267 -5.48 0.66 -23.12
N PRO A 268 -4.71 -0.43 -23.21
CA PRO A 268 -3.41 -0.41 -23.88
C PRO A 268 -3.46 0.36 -25.20
N GLY A 269 -2.52 1.28 -25.40
CA GLY A 269 -2.50 2.11 -26.58
C GLY A 269 -2.83 3.57 -26.29
N ALA A 270 -3.51 3.81 -25.17
CA ALA A 270 -3.87 5.17 -24.79
C ALA A 270 -2.63 6.01 -24.54
N THR A 271 -2.67 7.27 -24.96
CA THR A 271 -1.58 8.21 -24.71
C THR A 271 -1.91 9.09 -23.52
N ALA A 272 -0.88 9.68 -22.91
CA ALA A 272 -1.11 10.64 -21.85
C ALA A 272 -1.90 11.84 -22.37
N GLU A 273 -1.69 12.22 -23.63
CA GLU A 273 -2.46 13.30 -24.23
C GLU A 273 -3.96 13.00 -24.17
N THR A 274 -4.35 11.79 -24.54
CA THR A 274 -5.77 11.42 -24.54
C THR A 274 -6.29 11.32 -23.10
N ILE A 275 -5.53 10.69 -22.23
CA ILE A 275 -5.90 10.57 -20.83
C ILE A 275 -6.11 11.96 -20.22
N ASN A 276 -5.19 12.88 -20.51
CA ASN A 276 -5.30 14.23 -19.98
C ASN A 276 -6.50 14.99 -20.54
N ALA A 277 -6.77 14.80 -21.83
CA ALA A 277 -7.94 15.41 -22.46
C ALA A 277 -9.23 14.91 -21.80
N ALA A 278 -9.26 13.63 -21.45
CA ALA A 278 -10.43 13.05 -20.81
C ALA A 278 -10.74 13.76 -19.49
N VAL A 279 -9.72 13.97 -18.68
CA VAL A 279 -9.91 14.62 -17.39
C VAL A 279 -10.33 16.08 -17.60
N ASP A 280 -9.69 16.76 -18.56
CA ASP A 280 -10.04 18.14 -18.92
CA ASP A 280 -10.05 18.14 -18.83
C ASP A 280 -11.51 18.25 -19.29
N GLN A 281 -12.00 17.23 -19.99
CA GLN A 281 -13.37 17.22 -20.48
C GLN A 281 -14.38 16.75 -19.43
N GLY A 282 -13.90 16.39 -18.25
CA GLY A 282 -14.78 16.07 -17.14
C GLY A 282 -14.96 14.60 -16.83
N LEU A 283 -14.24 13.73 -17.53
CA LEU A 283 -14.31 12.29 -17.27
C LEU A 283 -13.37 11.87 -16.14
N HIS A 284 -13.79 10.84 -15.41
CA HIS A 284 -12.92 10.15 -14.48
C HIS A 284 -12.08 9.15 -15.26
N LEU A 285 -11.18 8.46 -14.56
CA LEU A 285 -10.27 7.51 -15.21
C LEU A 285 -10.42 6.11 -14.62
N LEU A 286 -10.65 5.12 -15.48
CA LEU A 286 -10.63 3.72 -15.08
C LEU A 286 -9.54 3.00 -15.86
N PHE A 287 -8.44 2.65 -15.19
CA PHE A 287 -7.35 1.97 -15.85
C PHE A 287 -7.60 0.46 -15.85
N THR A 288 -7.87 -0.09 -17.02
CA THR A 288 -8.04 -1.53 -17.13
C THR A 288 -6.66 -2.19 -16.97
N PRO A 289 -6.61 -3.49 -16.64
CA PRO A 289 -5.32 -4.10 -16.34
C PRO A 289 -4.37 -4.10 -17.53
N GLY A 290 -3.20 -3.53 -17.34
CA GLY A 290 -2.19 -3.49 -18.39
C GLY A 290 -1.04 -2.63 -17.95
N VAL A 291 -0.10 -2.42 -18.87
CA VAL A 291 1.07 -1.60 -18.61
C VAL A 291 1.05 -0.44 -19.60
N TYR A 292 1.07 0.77 -19.05
CA TYR A 292 0.91 2.00 -19.83
C TYR A 292 2.15 2.88 -19.79
N HIS A 293 2.86 2.98 -20.90
CA HIS A 293 3.96 3.93 -21.02
C HIS A 293 3.39 5.31 -21.32
N VAL A 294 3.90 6.34 -20.66
CA VAL A 294 3.49 7.71 -20.95
C VAL A 294 4.72 8.57 -21.26
N ASP A 295 4.61 9.45 -22.26
CA ASP A 295 5.74 10.30 -22.63
C ASP A 295 5.63 11.70 -22.02
N GLN A 296 4.55 11.92 -21.29
CA GLN A 296 4.35 13.15 -20.52
C GLN A 296 3.53 12.79 -19.28
N PRO A 297 3.56 13.64 -18.25
CA PRO A 297 2.79 13.28 -17.05
C PRO A 297 1.29 13.19 -17.29
N ILE A 298 0.65 12.23 -16.62
CA ILE A 298 -0.79 12.24 -16.47
C ILE A 298 -1.13 13.35 -15.49
N GLU A 299 -1.97 14.28 -15.93
CA GLU A 299 -2.31 15.44 -15.11
C GLU A 299 -3.76 15.39 -14.68
N ILE A 300 -3.98 15.37 -13.37
CA ILE A 300 -5.32 15.39 -12.82
C ILE A 300 -5.52 16.71 -12.08
N ASP A 301 -6.15 17.67 -12.76
CA ASP A 301 -6.31 19.02 -12.22
C ASP A 301 -7.78 19.43 -12.19
N ARG A 302 -8.64 18.45 -11.91
CA ARG A 302 -10.07 18.68 -11.76
C ARG A 302 -10.48 18.11 -10.41
N ALA A 303 -11.16 18.90 -9.61
CA ALA A 303 -11.63 18.44 -8.30
C ALA A 303 -12.48 17.17 -8.40
N ASN A 304 -12.33 16.29 -7.42
CA ASN A 304 -13.14 15.09 -7.27
C ASN A 304 -12.92 14.00 -8.33
N THR A 305 -11.86 14.14 -9.11
CA THR A 305 -11.56 13.13 -10.12
C THR A 305 -11.14 11.82 -9.48
N VAL A 306 -11.80 10.73 -9.88
CA VAL A 306 -11.42 9.38 -9.49
C VAL A 306 -10.48 8.80 -10.55
N ALA A 307 -9.34 8.26 -10.12
CA ALA A 307 -8.44 7.56 -11.02
C ALA A 307 -8.24 6.18 -10.41
N LEU A 308 -8.98 5.21 -10.95
CA LEU A 308 -9.09 3.89 -10.34
C LEU A 308 -8.49 2.82 -11.23
N GLY A 309 -7.56 2.04 -10.68
CA GLY A 309 -6.94 0.97 -11.45
C GLY A 309 -7.50 -0.40 -11.09
N LEU A 310 -7.56 -1.26 -12.10
CA LEU A 310 -7.93 -2.67 -11.94
C LEU A 310 -6.73 -3.55 -12.25
N GLY A 311 -6.65 -4.72 -11.61
CA GLY A 311 -5.65 -5.71 -11.98
C GLY A 311 -4.20 -5.23 -11.94
N LEU A 312 -3.89 -4.35 -10.99
CA LEU A 312 -2.53 -3.81 -10.81
C LEU A 312 -2.06 -3.09 -12.08
N ALA A 313 -2.98 -2.35 -12.70
CA ALA A 313 -2.67 -1.44 -13.79
C ALA A 313 -1.43 -0.63 -13.46
N THR A 314 -0.52 -0.55 -14.42
CA THR A 314 0.81 -0.03 -14.17
C THR A 314 1.14 1.11 -15.13
N ILE A 315 1.72 2.17 -14.59
CA ILE A 315 2.15 3.31 -15.40
CA ILE A 315 2.15 3.31 -15.40
C ILE A 315 3.67 3.41 -15.39
N ILE A 316 4.28 3.44 -16.57
CA ILE A 316 5.72 3.65 -16.68
C ILE A 316 5.98 4.98 -17.36
N PRO A 317 6.62 5.92 -16.64
CA PRO A 317 6.98 7.19 -17.26
C PRO A 317 8.26 7.06 -18.11
N ASP A 318 8.14 7.39 -19.39
CA ASP A 318 9.31 7.40 -20.28
C ASP A 318 10.01 8.75 -20.21
N ASN A 319 11.22 8.81 -20.75
CA ASN A 319 11.93 10.08 -20.96
C ASN A 319 12.12 10.90 -19.68
N GLY A 320 12.12 10.22 -18.54
CA GLY A 320 12.39 10.88 -17.28
C GLY A 320 11.26 11.76 -16.75
N VAL A 321 10.06 11.63 -17.31
CA VAL A 321 8.97 12.48 -16.86
C VAL A 321 8.37 11.97 -15.55
N THR A 322 7.60 12.83 -14.91
CA THR A 322 6.78 12.45 -13.78
C THR A 322 5.58 11.66 -14.29
N ALA A 323 5.23 10.54 -13.64
CA ALA A 323 4.14 9.70 -14.12
C ALA A 323 2.77 10.34 -13.88
N LEU A 324 2.60 10.91 -12.69
CA LEU A 324 1.29 11.40 -12.25
C LEU A 324 1.44 12.69 -11.47
N LYS A 325 0.74 13.73 -11.92
CA LYS A 325 0.70 15.00 -11.20
C LYS A 325 -0.73 15.37 -10.86
N VAL A 326 -1.04 15.47 -9.58
CA VAL A 326 -2.35 15.98 -9.16
C VAL A 326 -2.24 17.47 -8.88
N GLY A 327 -3.20 18.24 -9.37
CA GLY A 327 -3.20 19.68 -9.14
C GLY A 327 -3.65 20.06 -7.74
N ASP A 328 -3.74 21.36 -7.51
CA ASP A 328 -4.11 21.90 -6.19
C ASP A 328 -5.63 21.95 -6.02
N VAL A 329 -6.25 20.78 -6.10
CA VAL A 329 -7.69 20.66 -6.07
C VAL A 329 -8.18 19.70 -4.99
N ASP A 330 -9.43 19.88 -4.57
CA ASP A 330 -10.08 19.00 -3.61
C ASP A 330 -10.38 17.61 -4.19
N GLY A 331 -10.40 16.61 -3.33
CA GLY A 331 -11.16 15.39 -3.57
C GLY A 331 -10.69 14.42 -4.64
N VAL A 332 -9.46 14.53 -5.10
CA VAL A 332 -8.98 13.58 -6.09
C VAL A 332 -8.71 12.25 -5.38
N LYS A 333 -9.10 11.15 -6.02
CA LYS A 333 -8.97 9.83 -5.41
C LYS A 333 -8.21 8.92 -6.37
N VAL A 334 -6.93 8.74 -6.09
CA VAL A 334 -6.07 7.87 -6.88
C VAL A 334 -6.03 6.52 -6.18
N ALA A 335 -6.31 5.45 -6.91
CA ALA A 335 -6.48 4.14 -6.25
C ALA A 335 -6.05 2.97 -7.13
N GLY A 336 -5.23 2.09 -6.57
CA GLY A 336 -4.96 0.81 -7.21
C GLY A 336 -4.07 0.86 -8.42
N LEU A 337 -3.01 1.67 -8.36
CA LEU A 337 -2.07 1.80 -9.46
C LEU A 337 -0.65 1.50 -9.01
N LEU A 338 0.12 0.86 -9.89
CA LEU A 338 1.56 0.70 -9.70
C LEU A 338 2.28 1.66 -10.63
N VAL A 339 3.15 2.50 -10.07
CA VAL A 339 4.01 3.37 -10.88
C VAL A 339 5.38 2.74 -10.90
N ASP A 340 5.87 2.44 -12.11
CA ASP A 340 7.07 1.65 -12.32
C ASP A 340 8.10 2.50 -13.06
N ALA A 341 9.21 2.84 -12.39
CA ALA A 341 10.21 3.75 -12.97
C ALA A 341 10.79 3.22 -14.28
N GLY A 342 11.02 4.13 -15.22
CA GLY A 342 11.77 3.82 -16.42
C GLY A 342 13.26 3.91 -16.13
N PRO A 343 14.09 3.40 -17.05
CA PRO A 343 15.55 3.45 -16.83
C PRO A 343 16.10 4.88 -16.84
N VAL A 344 15.42 5.79 -17.52
CA VAL A 344 15.81 7.20 -17.48
C VAL A 344 15.31 7.83 -16.18
N ASN A 345 16.21 8.42 -15.42
CA ASN A 345 15.84 8.97 -14.12
C ASN A 345 14.72 10.00 -14.19
N SER A 346 13.69 9.79 -13.39
CA SER A 346 12.63 10.77 -13.19
C SER A 346 12.90 11.57 -11.93
N GLU A 347 12.88 12.89 -12.04
CA GLU A 347 13.09 13.74 -10.88
C GLU A 347 12.05 13.43 -9.80
N THR A 348 10.81 13.22 -10.22
CA THR A 348 9.74 12.74 -9.34
C THR A 348 8.89 11.72 -10.10
N LEU A 349 8.29 10.76 -9.41
CA LEU A 349 7.37 9.83 -10.08
C LEU A 349 5.90 10.23 -9.88
N VAL A 350 5.56 10.68 -8.68
CA VAL A 350 4.21 11.13 -8.35
C VAL A 350 4.28 12.44 -7.57
N GLU A 351 3.54 13.45 -8.01
CA GLU A 351 3.43 14.72 -7.30
C GLU A 351 1.98 14.99 -6.95
N VAL A 352 1.71 15.21 -5.66
CA VAL A 352 0.36 15.56 -5.22
C VAL A 352 0.36 17.03 -4.82
N GLY A 353 -0.17 17.88 -5.70
CA GLY A 353 -0.10 19.32 -5.48
C GLY A 353 1.15 19.94 -6.05
N SER A 354 1.14 21.26 -6.23
CA SER A 354 2.29 22.00 -6.74
C SER A 354 3.28 22.35 -5.63
N ASP A 355 4.53 22.62 -6.01
CA ASP A 355 5.53 23.07 -5.05
C ASP A 355 5.08 24.38 -4.38
N GLY A 356 5.03 24.39 -3.05
CA GLY A 356 4.63 25.57 -2.32
C GLY A 356 3.13 25.73 -2.13
N ALA A 357 2.38 24.71 -2.56
CA ALA A 357 0.93 24.69 -2.45
C ALA A 357 0.46 25.04 -1.05
N SER A 358 -0.47 25.99 -0.98
CA SER A 358 -0.74 26.72 0.24
C SER A 358 -2.19 26.64 0.74
N GLY A 359 -3.09 26.15 -0.09
CA GLY A 359 -4.49 26.07 0.30
C GLY A 359 -4.82 24.84 1.11
N ASP A 360 -5.97 24.85 1.77
CA ASP A 360 -6.37 23.70 2.57
C ASP A 360 -7.42 22.88 1.84
N HIS A 361 -7.50 21.58 2.16
CA HIS A 361 -8.46 20.67 1.54
C HIS A 361 -9.09 19.80 2.62
N ALA A 362 -9.44 20.39 3.75
CA ALA A 362 -9.81 19.59 4.93
C ALA A 362 -11.15 18.86 4.77
N ALA A 363 -12.14 19.54 4.22
CA ALA A 363 -13.46 18.91 4.10
C ALA A 363 -13.45 17.78 3.08
N ASN A 364 -12.65 17.91 2.03
CA ASN A 364 -12.66 16.98 0.91
C ASN A 364 -11.23 16.79 0.40
N PRO A 365 -10.43 15.99 1.12
CA PRO A 365 -9.01 15.87 0.78
C PRO A 365 -8.77 15.04 -0.47
N THR A 366 -7.57 15.16 -1.01
CA THR A 366 -7.09 14.22 -2.02
C THR A 366 -6.47 13.03 -1.32
N SER A 367 -6.64 11.84 -1.89
CA SER A 367 -6.07 10.62 -1.32
C SER A 367 -5.32 9.78 -2.34
N LEU A 368 -4.29 9.08 -1.85
CA LEU A 368 -3.63 8.00 -2.56
C LEU A 368 -3.93 6.71 -1.81
N GLN A 369 -4.50 5.72 -2.49
CA GLN A 369 -4.83 4.44 -1.87
C GLN A 369 -4.39 3.28 -2.73
N ASP A 370 -3.67 2.32 -2.14
CA ASP A 370 -3.12 1.20 -2.92
C ASP A 370 -2.39 1.78 -4.13
N VAL A 371 -1.57 2.78 -3.87
CA VAL A 371 -0.65 3.30 -4.86
C VAL A 371 0.72 2.74 -4.52
N PHE A 372 1.29 2.03 -5.47
CA PHE A 372 2.56 1.36 -5.26
C PHE A 372 3.58 1.95 -6.21
N VAL A 373 4.82 2.07 -5.76
CA VAL A 373 5.89 2.55 -6.62
C VAL A 373 7.01 1.55 -6.62
N ARG A 374 7.56 1.27 -7.80
CA ARG A 374 8.69 0.35 -7.94
C ARG A 374 9.81 1.03 -8.71
N ILE A 375 11.04 0.92 -8.20
CA ILE A 375 12.21 1.42 -8.92
C ILE A 375 13.19 0.26 -9.16
N GLY A 376 13.22 -0.24 -10.39
CA GLY A 376 14.03 -1.40 -10.72
C GLY A 376 13.32 -2.73 -10.48
N GLY A 377 14.00 -3.83 -10.81
CA GLY A 377 13.46 -5.16 -10.54
C GLY A 377 12.95 -5.88 -11.79
N ALA A 378 12.25 -5.13 -12.63
CA ALA A 378 11.79 -5.67 -13.92
C ALA A 378 12.61 -5.03 -15.03
N GLY A 379 13.88 -4.75 -14.71
CA GLY A 379 14.76 -3.99 -15.58
C GLY A 379 15.20 -2.74 -14.84
N PRO A 380 16.26 -2.07 -15.32
CA PRO A 380 16.74 -0.90 -14.59
C PRO A 380 15.69 0.21 -14.51
N GLY A 381 15.64 0.89 -13.37
CA GLY A 381 14.75 2.00 -13.15
C GLY A 381 15.42 2.97 -12.20
N LYS A 382 15.12 4.27 -12.37
CA LYS A 382 15.71 5.32 -11.54
C LYS A 382 14.73 6.46 -11.31
N ALA A 383 14.73 6.98 -10.07
CA ALA A 383 14.00 8.20 -9.75
C ALA A 383 14.64 8.89 -8.55
N THR A 384 14.66 10.22 -8.55
CA THR A 384 15.28 10.96 -7.44
C THR A 384 14.38 10.95 -6.20
N THR A 385 13.13 11.38 -6.35
CA THR A 385 12.15 11.33 -5.27
CA THR A 385 12.15 11.28 -5.28
C THR A 385 10.89 10.64 -5.81
N SER A 386 10.41 9.60 -5.15
CA SER A 386 9.30 8.86 -5.74
C SER A 386 7.94 9.54 -5.58
N ILE A 387 7.56 9.87 -4.35
CA ILE A 387 6.32 10.61 -4.14
C ILE A 387 6.56 11.90 -3.37
N VAL A 388 6.13 13.01 -3.94
CA VAL A 388 6.17 14.29 -3.24
C VAL A 388 4.74 14.70 -2.93
N VAL A 389 4.42 14.84 -1.64
CA VAL A 389 3.08 15.26 -1.25
C VAL A 389 3.11 16.73 -0.82
N ASN A 390 2.65 17.60 -1.70
CA ASN A 390 2.60 19.02 -1.44
C ASN A 390 1.27 19.47 -0.82
N SER A 391 0.17 18.88 -1.28
CA SER A 391 -1.16 19.35 -0.88
C SER A 391 -1.50 19.09 0.59
N ASN A 392 -1.96 20.14 1.25
CA ASN A 392 -2.44 20.04 2.63
C ASN A 392 -3.60 19.04 2.73
N ASP A 393 -3.66 18.35 3.87
CA ASP A 393 -4.76 17.46 4.26
C ASP A 393 -4.82 16.16 3.47
N THR A 394 -3.81 15.90 2.65
CA THR A 394 -3.78 14.68 1.84
C THR A 394 -3.77 13.44 2.72
N ILE A 395 -4.50 12.41 2.29
CA ILE A 395 -4.50 11.11 2.95
C ILE A 395 -3.73 10.10 2.12
N ILE A 396 -2.74 9.46 2.73
CA ILE A 396 -2.02 8.37 2.10
CA ILE A 396 -2.02 8.37 2.09
C ILE A 396 -2.42 7.11 2.83
N ASP A 397 -3.32 6.33 2.23
CA ASP A 397 -3.89 5.17 2.91
C ASP A 397 -3.54 3.89 2.15
N HIS A 398 -2.46 3.27 2.62
CA HIS A 398 -1.74 2.14 2.01
C HIS A 398 -0.92 2.50 0.77
N THR A 399 0.37 2.65 1.01
CA THR A 399 1.31 2.77 -0.10
C THR A 399 2.50 1.86 0.17
N TRP A 400 3.09 1.33 -0.90
CA TRP A 400 4.38 0.66 -0.86
C TRP A 400 5.26 1.33 -1.87
N VAL A 401 6.30 2.00 -1.38
CA VAL A 401 7.21 2.72 -2.23
C VAL A 401 8.54 1.98 -2.09
N TRP A 402 8.96 1.34 -3.19
CA TRP A 402 9.96 0.27 -3.10
C TRP A 402 11.06 0.38 -4.13
N ARG A 403 12.27 0.67 -3.66
CA ARG A 403 13.45 0.53 -4.50
C ARG A 403 13.79 -0.97 -4.51
N ALA A 404 13.84 -1.59 -5.69
CA ALA A 404 13.98 -3.05 -5.77
C ALA A 404 15.29 -3.53 -5.14
N ASP A 405 15.20 -4.57 -4.32
CA ASP A 405 16.36 -5.23 -3.72
C ASP A 405 16.75 -6.50 -4.45
N HIS A 406 15.88 -6.97 -5.34
CA HIS A 406 16.15 -8.18 -6.12
C HIS A 406 15.46 -8.05 -7.47
N GLY A 407 15.81 -8.94 -8.40
CA GLY A 407 15.29 -8.87 -9.75
C GLY A 407 16.34 -8.41 -10.74
N GLU A 408 15.89 -7.94 -11.90
CA GLU A 408 16.77 -7.45 -12.95
C GLU A 408 16.91 -5.95 -12.88
N GLY A 409 18.12 -5.45 -13.17
CA GLY A 409 18.35 -4.02 -13.20
C GLY A 409 18.48 -3.43 -11.81
N VAL A 410 19.09 -4.18 -10.90
CA VAL A 410 19.25 -3.76 -9.52
C VAL A 410 20.74 -3.55 -9.19
N GLY A 411 21.05 -2.46 -8.50
CA GLY A 411 22.41 -2.17 -8.08
C GLY A 411 22.49 -0.81 -7.44
N TRP A 412 23.50 -0.60 -6.61
CA TRP A 412 23.65 0.65 -5.87
C TRP A 412 23.56 1.87 -6.79
N GLU A 413 24.11 1.74 -7.98
CA GLU A 413 24.02 2.77 -9.02
CA GLU A 413 23.94 2.81 -8.95
C GLU A 413 22.92 2.43 -10.05
N THR A 414 22.84 1.15 -10.41
CA THR A 414 21.95 0.72 -11.50
C THR A 414 20.48 1.09 -11.27
N ASN A 415 19.96 0.90 -10.06
CA ASN A 415 18.63 1.40 -9.77
C ASN A 415 18.63 2.37 -8.59
N ARG A 416 19.58 3.29 -8.61
CA ARG A 416 19.66 4.34 -7.60
CA ARG A 416 19.65 4.31 -7.55
C ARG A 416 18.34 5.09 -7.47
N ALA A 417 17.89 5.28 -6.23
CA ALA A 417 16.70 6.06 -5.93
C ALA A 417 16.93 6.66 -4.55
N ASP A 418 17.28 7.95 -4.49
CA ASP A 418 17.72 8.55 -3.24
C ASP A 418 16.59 8.68 -2.21
N TYR A 419 15.43 9.17 -2.64
CA TYR A 419 14.37 9.55 -1.69
C TYR A 419 13.05 8.86 -2.04
N GLY A 420 12.39 8.30 -1.03
CA GLY A 420 11.13 7.60 -1.26
C GLY A 420 9.95 8.56 -1.27
N VAL A 421 9.54 9.00 -0.09
CA VAL A 421 8.40 9.91 0.06
C VAL A 421 8.86 11.19 0.74
N HIS A 422 8.44 12.33 0.21
CA HIS A 422 8.72 13.61 0.84
C HIS A 422 7.40 14.33 1.05
N VAL A 423 7.01 14.50 2.32
CA VAL A 423 5.76 15.20 2.64
C VAL A 423 6.04 16.64 2.99
N LYS A 424 5.55 17.56 2.16
CA LYS A 424 5.75 18.99 2.37
C LYS A 424 4.48 19.68 2.84
N GLY A 425 3.32 19.07 2.55
CA GLY A 425 2.05 19.64 2.96
C GLY A 425 1.78 19.50 4.45
N ASP A 426 0.84 20.31 4.94
CA ASP A 426 0.43 20.32 6.34
C ASP A 426 -0.79 19.42 6.55
N ASN A 427 -0.92 18.88 7.77
CA ASN A 427 -2.07 18.05 8.14
C ASN A 427 -2.23 16.81 7.26
N VAL A 428 -1.10 16.29 6.80
CA VAL A 428 -1.12 15.08 5.99
C VAL A 428 -1.16 13.85 6.90
N LEU A 429 -1.96 12.86 6.51
CA LEU A 429 -2.14 11.64 7.28
C LEU A 429 -1.73 10.44 6.44
N ALA A 430 -0.82 9.62 6.98
CA ALA A 430 -0.44 8.36 6.36
C ALA A 430 -0.90 7.21 7.25
N THR A 431 -1.72 6.34 6.69
CA THR A 431 -2.16 5.13 7.39
C THR A 431 -1.71 3.90 6.58
N GLY A 432 -0.77 3.13 7.13
CA GLY A 432 -0.25 1.98 6.41
C GLY A 432 0.85 2.35 5.42
N LEU A 433 1.96 2.88 5.95
CA LEU A 433 3.04 3.41 5.14
C LEU A 433 4.21 2.42 5.05
N PHE A 434 4.50 1.93 3.86
CA PHE A 434 5.57 0.95 3.64
C PHE A 434 6.56 1.55 2.66
N VAL A 435 7.80 1.80 3.08
CA VAL A 435 8.79 2.44 2.19
C VAL A 435 10.15 1.81 2.42
N GLU A 436 10.80 1.34 1.35
CA GLU A 436 12.01 0.51 1.50
C GLU A 436 13.13 0.71 0.50
N HIS A 437 14.36 0.68 1.02
CA HIS A 437 15.62 0.44 0.30
C HIS A 437 16.22 1.66 -0.43
N PHE A 438 15.75 2.86 -0.14
CA PHE A 438 16.26 4.04 -0.83
C PHE A 438 17.69 4.38 -0.43
N ASN A 439 18.43 5.02 -1.33
CA ASN A 439 19.85 5.28 -1.07
C ASN A 439 20.04 6.30 0.04
N LYS A 440 19.08 7.21 0.21
CA LYS A 440 19.15 8.21 1.27
C LYS A 440 17.90 8.12 2.18
N TYR A 441 17.19 9.21 2.41
CA TYR A 441 16.03 9.17 3.30
C TYR A 441 14.84 8.47 2.65
N ASP A 442 14.37 7.37 3.24
CA ASP A 442 13.19 6.71 2.70
C ASP A 442 11.97 7.62 2.82
N VAL A 443 11.75 8.21 3.99
CA VAL A 443 10.68 9.18 4.20
C VAL A 443 11.25 10.44 4.84
N GLN A 444 10.88 11.59 4.28
CA GLN A 444 11.20 12.87 4.88
CA GLN A 444 11.20 12.91 4.83
C GLN A 444 9.90 13.66 5.05
N TRP A 445 9.73 14.27 6.22
CA TRP A 445 8.51 15.00 6.53
C TRP A 445 8.89 16.43 6.88
N SER A 446 8.48 17.38 6.04
CA SER A 446 8.81 18.79 6.20
C SER A 446 7.59 19.62 6.57
N GLY A 447 6.41 19.08 6.30
CA GLY A 447 5.17 19.78 6.59
C GLY A 447 4.78 19.71 8.06
N GLU A 448 3.80 20.53 8.46
CA GLU A 448 3.36 20.58 9.86
C GLU A 448 2.19 19.64 10.15
N ASN A 449 2.08 19.26 11.42
CA ASN A 449 0.98 18.42 11.92
C ASN A 449 0.77 17.14 11.12
N GLY A 450 1.86 16.54 10.64
CA GLY A 450 1.76 15.24 10.02
C GLY A 450 1.46 14.15 11.03
N LYS A 451 0.80 13.10 10.57
CA LYS A 451 0.52 11.93 11.38
C LYS A 451 0.76 10.67 10.56
N THR A 452 1.46 9.71 11.15
CA THR A 452 1.63 8.40 10.52
C THR A 452 1.19 7.32 11.49
N ILE A 453 0.28 6.46 11.03
CA ILE A 453 -0.17 5.31 11.78
C ILE A 453 0.26 4.08 10.98
N PHE A 454 1.24 3.37 11.57
CA PHE A 454 1.98 2.23 10.99
C PHE A 454 3.01 2.62 9.93
N TYR A 455 4.27 2.28 10.21
CA TYR A 455 5.35 2.44 9.25
C TYR A 455 6.18 1.18 9.21
N GLN A 456 6.48 0.72 8.01
CA GLN A 456 7.43 -0.38 7.82
C GLN A 456 8.49 0.03 6.83
N ASN A 457 9.76 -0.06 7.25
CA ASN A 457 10.89 0.22 6.39
C ASN A 457 11.93 -0.89 6.47
N ALA A 458 12.62 -1.12 5.36
CA ALA A 458 13.91 -1.80 5.40
C ALA A 458 14.88 -0.91 4.66
N LYS A 459 16.10 -0.79 5.19
CA LYS A 459 17.11 0.05 4.55
C LYS A 459 17.69 -0.64 3.33
N ALA A 460 18.38 0.13 2.49
CA ALA A 460 19.08 -0.43 1.32
C ALA A 460 20.03 -1.55 1.75
N TYR A 461 19.98 -2.69 1.05
CA TYR A 461 20.85 -3.83 1.38
C TYR A 461 22.23 -3.67 0.75
N ASP A 462 22.32 -2.86 -0.30
CA ASP A 462 23.47 -2.92 -1.20
C ASP A 462 24.43 -1.72 -1.09
N ALA A 463 24.34 -0.98 0.00
CA ALA A 463 25.33 0.04 0.30
C ALA A 463 26.70 -0.62 0.33
N PRO A 464 27.65 -0.12 -0.48
CA PRO A 464 28.93 -0.83 -0.60
C PRO A 464 29.85 -0.66 0.62
N ASP A 465 29.71 0.47 1.30
CA ASP A 465 30.56 0.76 2.45
C ASP A 465 29.95 1.89 3.27
N GLN A 466 30.56 2.17 4.41
CA GLN A 466 30.06 3.21 5.30
C GLN A 466 30.02 4.59 4.63
N ALA A 467 31.07 4.91 3.88
CA ALA A 467 31.17 6.20 3.22
C ALA A 467 29.99 6.47 2.27
N ALA A 468 29.46 5.41 1.68
CA ALA A 468 28.41 5.52 0.68
C ALA A 468 27.11 6.06 1.27
N ILE A 469 26.94 5.94 2.58
CA ILE A 469 25.72 6.44 3.21
C ILE A 469 26.02 7.49 4.27
N GLN A 470 27.21 8.09 4.22
CA GLN A 470 27.54 9.15 5.17
C GLN A 470 26.63 10.35 4.93
N ASN A 471 26.09 10.88 6.02
CA ASN A 471 25.08 11.93 5.99
C ASN A 471 25.52 13.08 6.89
N GLY A 472 26.45 13.89 6.40
CA GLY A 472 27.07 14.90 7.25
C GLY A 472 27.84 14.19 8.34
N ASP A 473 27.52 14.45 9.61
CA ASP A 473 28.21 13.77 10.70
CA ASP A 473 28.18 13.80 10.72
C ASP A 473 27.40 12.58 11.21
N ILE A 474 26.39 12.18 10.44
CA ILE A 474 25.56 11.02 10.82
C ILE A 474 25.88 9.84 9.92
N LYS A 475 26.01 8.65 10.53
CA LYS A 475 26.17 7.42 9.77
C LYS A 475 24.81 6.96 9.23
N GLY A 476 24.66 7.02 7.91
CA GLY A 476 23.39 6.62 7.31
C GLY A 476 22.35 7.73 7.30
N TYR A 477 21.30 7.47 6.53
CA TYR A 477 20.14 8.34 6.43
C TYR A 477 18.97 7.70 7.13
N ALA A 478 18.31 8.41 8.03
CA ALA A 478 17.11 7.87 8.68
C ALA A 478 16.11 7.29 7.68
N ALA A 479 15.44 6.21 8.09
CA ALA A 479 14.29 5.70 7.34
C ALA A 479 13.12 6.66 7.37
N TYR A 480 13.05 7.46 8.43
CA TYR A 480 11.94 8.40 8.65
C TYR A 480 12.50 9.62 9.35
N LYS A 481 12.56 10.72 8.62
CA LYS A 481 13.12 11.96 9.10
C LYS A 481 12.07 13.06 9.16
N VAL A 482 11.91 13.65 10.34
CA VAL A 482 11.12 14.86 10.52
C VAL A 482 12.10 16.02 10.57
N ASP A 483 11.94 16.99 9.67
CA ASP A 483 12.86 18.12 9.62
C ASP A 483 12.93 18.86 10.96
N ASP A 484 14.11 19.39 11.28
CA ASP A 484 14.32 20.10 12.54
C ASP A 484 13.38 21.30 12.71
N SER A 485 12.96 21.90 11.60
CA SER A 485 12.12 23.10 11.64
C SER A 485 10.66 22.80 11.99
N VAL A 486 10.26 21.53 11.88
CA VAL A 486 8.88 21.13 12.17
C VAL A 486 8.55 21.28 13.66
N THR A 487 7.33 21.73 13.97
CA THR A 487 6.90 21.96 15.35
CA THR A 487 6.95 21.92 15.38
C THR A 487 5.97 20.87 15.88
N THR A 488 5.16 20.30 15.00
CA THR A 488 4.15 19.31 15.39
CA THR A 488 4.18 19.30 15.40
C THR A 488 4.18 18.11 14.46
N HIS A 489 4.21 16.91 15.04
CA HIS A 489 4.23 15.66 14.30
C HIS A 489 3.87 14.53 15.24
N GLU A 490 3.24 13.48 14.75
CA GLU A 490 3.00 12.33 15.61
C GLU A 490 2.98 11.04 14.80
N GLY A 491 3.68 10.03 15.30
CA GLY A 491 3.72 8.73 14.66
C GLY A 491 3.52 7.60 15.64
N TRP A 492 2.88 6.53 15.15
CA TRP A 492 2.55 5.36 15.97
C TRP A 492 2.92 4.05 15.25
N GLY A 493 3.64 3.16 15.93
CA GLY A 493 3.82 1.80 15.44
C GLY A 493 4.74 1.75 14.22
N MET A 494 6.02 2.01 14.44
CA MET A 494 6.93 2.27 13.33
C MET A 494 8.22 1.48 13.47
N GLY A 495 8.61 0.79 12.40
CA GLY A 495 9.81 -0.03 12.42
C GLY A 495 10.70 0.12 11.20
N SER A 496 12.01 0.09 11.43
CA SER A 496 13.01 0.10 10.36
C SER A 496 13.95 -1.08 10.54
N TYR A 497 14.20 -1.84 9.47
CA TYR A 497 15.03 -3.05 9.55
C TYR A 497 16.25 -2.91 8.65
N CYS A 498 17.40 -3.47 9.06
CA CYS A 498 18.56 -3.44 8.17
C CYS A 498 19.04 -4.84 7.81
N TYR A 499 19.63 -4.92 6.62
CA TYR A 499 20.19 -6.16 6.11
C TYR A 499 21.27 -5.74 5.12
N PHE A 500 22.37 -5.24 5.66
CA PHE A 500 23.49 -4.81 4.84
C PHE A 500 24.29 -6.03 4.41
N ASN A 501 23.78 -6.77 3.42
CA ASN A 501 24.40 -8.05 3.09
C ASN A 501 25.63 -7.88 2.21
N VAL A 502 25.71 -6.79 1.46
CA VAL A 502 26.92 -6.52 0.68
C VAL A 502 28.08 -6.18 1.61
N ASN A 503 27.82 -5.39 2.65
CA ASN A 503 28.85 -5.04 3.63
C ASN A 503 28.28 -5.03 5.04
N PRO A 504 28.33 -6.19 5.71
CA PRO A 504 27.68 -6.29 7.02
C PRO A 504 28.44 -5.60 8.16
N ASP A 505 29.55 -4.95 7.86
CA ASP A 505 30.24 -4.15 8.87
C ASP A 505 29.63 -2.75 9.03
N ILE A 506 28.70 -2.41 8.15
CA ILE A 506 28.07 -1.10 8.17
C ILE A 506 27.26 -0.84 9.43
N ARG A 507 27.24 0.41 9.85
CA ARG A 507 26.42 0.89 10.95
C ARG A 507 25.41 1.93 10.45
N GLN A 508 24.17 1.79 10.92
CA GLN A 508 23.09 2.74 10.64
C GLN A 508 22.84 3.48 11.94
N GLN A 509 23.05 4.80 11.98
CA GLN A 509 22.98 5.47 13.28
C GLN A 509 21.60 5.33 13.93
N HIS A 510 20.54 5.45 13.14
CA HIS A 510 19.19 5.36 13.66
C HIS A 510 18.18 5.04 12.58
N GLY A 511 17.01 4.56 12.99
CA GLY A 511 15.90 4.40 12.06
C GLY A 511 15.14 5.70 11.87
N PHE A 512 15.12 6.53 12.91
CA PHE A 512 14.27 7.72 12.98
C PHE A 512 15.09 8.93 13.40
N GLN A 513 14.75 10.09 12.86
CA GLN A 513 15.43 11.33 13.20
C GLN A 513 14.39 12.43 13.30
N ALA A 514 14.41 13.20 14.38
CA ALA A 514 13.40 14.23 14.60
C ALA A 514 13.91 15.28 15.58
N PRO A 515 13.35 16.49 15.52
CA PRO A 515 13.69 17.45 16.57
C PRO A 515 13.13 17.01 17.92
N VAL A 516 13.74 17.46 19.00
CA VAL A 516 13.23 17.21 20.33
C VAL A 516 12.38 18.40 20.77
N LYS A 517 11.08 18.27 20.57
CA LYS A 517 10.11 19.35 20.80
C LYS A 517 8.83 18.72 21.36
N PRO A 518 8.13 19.46 22.24
CA PRO A 518 6.94 18.93 22.91
C PRO A 518 5.86 18.43 21.95
N GLY A 519 5.75 19.05 20.78
CA GLY A 519 4.70 18.70 19.84
C GLY A 519 5.09 17.66 18.81
N VAL A 520 6.33 17.16 18.90
CA VAL A 520 6.82 16.15 17.98
C VAL A 520 6.95 14.84 18.77
N LYS A 521 6.02 13.91 18.53
CA LYS A 521 5.88 12.75 19.41
C LYS A 521 5.84 11.44 18.64
N PHE A 522 6.48 10.42 19.20
CA PHE A 522 6.41 9.07 18.63
C PHE A 522 6.00 8.04 19.67
N HIS A 523 5.30 7.03 19.20
CA HIS A 523 4.82 5.95 20.04
C HIS A 523 5.18 4.63 19.41
N ASP A 524 5.86 3.78 20.16
CA ASP A 524 6.17 2.42 19.74
C ASP A 524 7.05 2.38 18.49
N LEU A 525 8.31 2.75 18.67
CA LEU A 525 9.34 2.69 17.63
C LEU A 525 10.21 1.45 17.81
N LEU A 526 10.72 0.91 16.71
CA LEU A 526 11.68 -0.19 16.80
C LEU A 526 12.61 -0.22 15.60
N VAL A 527 13.82 -0.72 15.85
CA VAL A 527 14.74 -1.04 14.76
C VAL A 527 15.22 -2.48 14.92
N VAL A 528 15.53 -3.12 13.81
CA VAL A 528 15.89 -4.54 13.84
C VAL A 528 16.98 -4.82 12.82
N SER A 529 18.06 -5.48 13.25
CA SER A 529 19.05 -6.01 12.32
C SER A 529 18.65 -7.43 11.94
N LEU A 530 18.57 -7.70 10.64
CA LEU A 530 18.19 -9.03 10.19
C LEU A 530 19.43 -9.92 10.13
N GLY A 531 19.57 -10.80 11.12
CA GLY A 531 20.66 -11.77 11.13
C GLY A 531 22.05 -11.17 11.30
N GLY A 532 22.14 -10.02 11.95
CA GLY A 532 23.42 -9.40 12.22
C GLY A 532 24.12 -8.78 11.01
N LYS A 533 23.38 -8.58 9.92
CA LYS A 533 23.94 -7.96 8.73
C LYS A 533 23.86 -6.45 8.87
N GLY A 534 24.92 -5.87 9.43
CA GLY A 534 24.91 -4.49 9.88
C GLY A 534 24.21 -4.38 11.22
N GLN A 535 24.30 -3.21 11.85
CA GLN A 535 23.58 -2.94 13.10
C GLN A 535 23.13 -1.49 13.14
N TYR A 536 22.10 -1.23 13.95
CA TYR A 536 21.73 0.14 14.33
C TYR A 536 22.49 0.59 15.56
N GLU A 537 22.86 1.85 15.61
CA GLU A 537 23.51 2.41 16.79
C GLU A 537 22.47 2.84 17.82
N HIS A 538 21.31 3.28 17.32
CA HIS A 538 20.22 3.78 18.14
C HIS A 538 18.90 3.57 17.42
N VAL A 539 17.80 3.85 18.11
CA VAL A 539 16.47 3.78 17.51
C VAL A 539 16.10 5.11 16.84
N ILE A 540 16.13 6.18 17.62
CA ILE A 540 15.77 7.50 17.12
C ILE A 540 16.79 8.52 17.62
N ASN A 541 17.29 9.37 16.72
CA ASN A 541 18.36 10.31 17.06
C ASN A 541 19.53 9.56 17.71
N ASP A 542 19.84 9.88 18.98
CA ASP A 542 20.87 9.18 19.73
C ASP A 542 20.26 8.42 20.93
N ILE A 543 18.99 8.07 20.78
CA ILE A 543 18.17 7.48 21.84
C ILE A 543 17.79 6.04 21.51
N GLY A 544 17.77 5.17 22.52
CA GLY A 544 17.44 3.77 22.31
C GLY A 544 18.69 2.93 22.15
N ASP A 545 18.61 1.66 22.53
CA ASP A 545 19.77 0.77 22.48
C ASP A 545 20.19 0.49 21.04
N PRO A 546 21.51 0.26 20.84
CA PRO A 546 21.92 -0.31 19.55
C PRO A 546 21.35 -1.71 19.40
N THR A 547 21.22 -2.20 18.17
CA THR A 547 20.96 -3.62 18.01
C THR A 547 22.27 -4.37 18.26
N SER A 548 22.18 -5.63 18.67
CA SER A 548 23.38 -6.43 18.89
C SER A 548 23.08 -7.90 18.60
N GLY A 549 24.14 -8.70 18.46
CA GLY A 549 23.99 -10.11 18.15
C GLY A 549 23.58 -10.36 16.71
N ASP A 550 23.34 -11.63 16.37
CA ASP A 550 22.82 -11.97 15.06
C ASP A 550 21.46 -12.65 15.17
N THR A 551 20.78 -12.39 16.29
CA THR A 551 19.55 -13.12 16.61
C THR A 551 18.26 -12.35 16.29
N THR A 552 18.40 -11.20 15.65
CA THR A 552 17.25 -10.44 15.12
C THR A 552 16.26 -10.08 16.25
N ILE A 553 16.81 -9.56 17.34
CA ILE A 553 16.01 -9.03 18.44
C ILE A 553 15.81 -7.51 18.28
N PRO A 554 14.54 -7.06 18.23
CA PRO A 554 14.32 -5.61 18.07
C PRO A 554 14.85 -4.77 19.23
N SER A 555 15.32 -3.56 18.90
CA SER A 555 15.56 -2.51 19.88
C SER A 555 14.39 -1.55 19.82
N GLN A 556 13.80 -1.26 20.98
CA GLN A 556 12.51 -0.56 21.06
C GLN A 556 12.55 0.74 21.86
N VAL A 557 11.71 1.69 21.45
CA VAL A 557 11.46 2.88 22.25
C VAL A 557 9.95 3.05 22.34
N VAL A 558 9.41 3.06 23.55
CA VAL A 558 7.96 3.16 23.71
C VAL A 558 7.45 4.59 23.46
N SER A 559 8.16 5.58 24.01
CA SER A 559 7.77 6.98 23.88
C SER A 559 8.94 7.88 23.55
N PHE A 560 8.70 8.82 22.63
CA PHE A 560 9.63 9.88 22.31
C PHE A 560 8.85 11.19 22.21
N PRO A 561 9.41 12.31 22.70
CA PRO A 561 10.72 12.42 23.37
C PRO A 561 10.65 12.00 24.84
C2 BGC B . 12.17 -12.58 9.30
C3 BGC B . 13.33 -12.50 8.32
C4 BGC B . 14.66 -12.55 9.07
C5 BGC B . 14.67 -13.78 9.97
C6 BGC B . 15.97 -13.87 10.76
C1 BGC B . 12.33 -13.76 10.25
O1 BGC B . 11.32 -13.70 11.22
O2 BGC B . 10.96 -12.69 8.58
O3 BGC B . 13.20 -11.23 7.58
O4 BGC B . 15.73 -12.60 8.15
O5 BGC B . 13.60 -13.66 10.87
O6 BGC B . 15.97 -15.10 11.48
C2 BGC B . 12.79 -9.98 5.61
C3 BGC B . 13.22 -9.73 4.17
C4 BGC B . 14.75 -9.74 4.08
C5 BGC B . 15.28 -11.03 4.66
C6 BGC B . 16.80 -11.06 4.59
C1 BGC B . 13.47 -11.21 6.20
O2 BGC B . 11.40 -10.20 5.62
O3 BGC B . 12.69 -8.42 3.84
O3 BGC B . 12.76 -8.42 3.84
O4 BGC B . 15.13 -9.58 2.73
O5 BGC B . 14.88 -11.12 6.02
O6 BGC B . 17.26 -12.31 5.07
C2 BGC B . 11.76 -6.90 2.27
C2 BGC B . 11.80 -6.91 2.27
C3 BGC B . 11.30 -6.75 0.82
C3 BGC B . 11.32 -6.75 0.83
C4 BGC B . 12.15 -7.62 -0.08
C4 BGC B . 12.15 -7.64 -0.09
C5 BGC B . 12.09 -9.06 0.39
C5 BGC B . 12.08 -9.08 0.40
C6 BGC B . 12.90 -9.97 -0.52
C6 BGC B . 12.85 -10.02 -0.53
C1 BGC B . 11.92 -8.37 2.66
C1 BGC B . 11.98 -8.38 2.67
O2 BGC B . 10.83 -6.26 3.12
O2 BGC B . 10.88 -6.26 3.14
O3 BGC B . 11.43 -5.40 0.42
O3 BGC B . 11.44 -5.41 0.42
O4 BGC B . 11.72 -7.51 -1.42
O4 BGC B . 11.70 -7.54 -1.42
O5 BGC B . 12.63 -9.11 1.69
O5 BGC B . 12.67 -9.12 1.68
O6 BGC B . 14.28 -9.70 -0.33
O6 BGC B . 12.76 -11.35 -0.08
C2 BGC C . 2.30 -25.02 -0.49
C3 BGC C . 1.31 -25.60 -1.50
C4 BGC C . 1.98 -25.85 -2.86
C5 BGC C . 3.30 -26.59 -2.70
C6 BGC C . 4.00 -26.74 -4.06
C1 BGC C . 3.62 -25.77 -0.47
O1 BGC C . 4.53 -25.02 0.32
O2 BGC C . 1.71 -25.03 0.79
O3 BGC C . 0.24 -24.71 -1.62
O4 BGC C . 1.09 -26.58 -3.68
O5 BGC C . 4.15 -25.91 -1.79
O6 BGC C . 4.18 -25.49 -4.68
C2 BGC C . -2.13 -24.31 -1.16
C3 BGC C . -3.54 -24.86 -1.33
C4 BGC C . -3.76 -25.26 -2.79
C5 BGC C . -2.63 -26.18 -3.29
C6 BGC C . -2.79 -26.43 -4.78
C1 BGC C . -1.12 -25.35 -1.66
O2 BGC C . -1.89 -23.98 0.19
O3 BGC C . -4.47 -23.87 -0.97
O4 BGC C . -5.01 -25.91 -2.93
O5 BGC C . -1.37 -25.61 -3.02
O6 BGC C . -1.78 -27.31 -5.22
C2 BGC C . -5.14 -23.09 1.28
C3 BGC C . -5.99 -23.48 2.48
C4 BGC C . -7.34 -24.06 2.05
C5 BGC C . -7.14 -25.12 0.97
C6 BGC C . -8.48 -25.58 0.39
C1 BGC C . -5.05 -24.26 0.32
O2 BGC C . -3.85 -22.70 1.70
O3 BGC C . -6.19 -22.35 3.30
O4 BGC C . -8.00 -24.63 3.16
O5 BGC C . -6.36 -24.62 -0.08
O6 BGC C . -8.33 -26.83 -0.25
#